data_2XPL
#
_entry.id   2XPL
#
_cell.length_a   33.655
_cell.length_b   128.832
_cell.length_c   33.644
_cell.angle_alpha   90.00
_cell.angle_beta   101.17
_cell.angle_gamma   90.00
#
_symmetry.space_group_name_H-M   'P 1 21 1'
#
loop_
_entity.id
_entity.type
_entity.pdbx_description
1 polymer IWS1
2 non-polymer 'CHLORIDE ION'
3 water water
#
_entity_poly.entity_id   1
_entity_poly.type   'polypeptide(L)'
_entity_poly.pdbx_seq_one_letter_code
;GSHMDPGTVLEISRSLKKRMQDILKKDNANNLEGRPATGKIENVEEISDILMSKALQESLLDEGILDEIKGWLEPLPDKS
MPNIKIRKRLLDVLKTMKIHKEHLVTSGVGKIVYFYSINPKESKEVRASAKALVQKWTNEVFKPEGGD
;
_entity_poly.pdbx_strand_id   A,B
#
# COMPACT_ATOMS: atom_id res chain seq x y z
N HIS A 3 -3.34 6.96 -18.71
CA HIS A 3 -1.98 7.28 -18.17
C HIS A 3 -1.49 6.44 -16.92
N MET A 4 -2.41 5.87 -16.12
CA MET A 4 -2.09 4.68 -15.24
C MET A 4 -2.60 3.39 -15.92
N ASP A 5 -1.73 2.40 -16.13
CA ASP A 5 -2.10 1.14 -16.82
C ASP A 5 -3.18 0.33 -16.10
N PRO A 6 -4.07 -0.35 -16.84
CA PRO A 6 -5.11 -1.12 -16.16
C PRO A 6 -4.57 -2.20 -15.23
N GLY A 7 -3.44 -2.81 -15.55
CA GLY A 7 -2.77 -3.76 -14.66
C GLY A 7 -2.29 -3.14 -13.37
N THR A 8 -1.87 -1.88 -13.42
CA THR A 8 -1.44 -1.16 -12.21
C THR A 8 -2.62 -0.79 -11.30
N VAL A 9 -3.69 -0.22 -11.91
CA VAL A 9 -4.89 0.07 -11.15
C VAL A 9 -5.32 -1.22 -10.45
N LEU A 10 -5.30 -2.35 -11.16
CA LEU A 10 -5.79 -3.59 -10.54
C LEU A 10 -4.87 -4.00 -9.39
N GLU A 11 -3.55 -3.89 -9.59
CA GLU A 11 -2.58 -4.33 -8.60
C GLU A 11 -2.69 -3.56 -7.26
N ILE A 12 -2.86 -2.25 -7.39
CA ILE A 12 -3.01 -1.35 -6.28
C ILE A 12 -4.35 -1.59 -5.58
N SER A 13 -5.40 -1.85 -6.36
CA SER A 13 -6.71 -2.16 -5.74
C SER A 13 -6.58 -3.46 -4.92
N ARG A 14 -6.00 -4.49 -5.53
CA ARG A 14 -5.76 -5.75 -4.79
C ARG A 14 -4.89 -5.53 -3.56
N SER A 15 -3.88 -4.67 -3.68
CA SER A 15 -2.96 -4.50 -2.58
C SER A 15 -3.67 -3.84 -1.39
N LEU A 16 -4.53 -2.86 -1.70
CA LEU A 16 -5.34 -2.16 -0.70
C LEU A 16 -6.33 -3.11 -0.02
N LYS A 17 -7.04 -3.92 -0.79
CA LYS A 17 -7.83 -4.99 -0.25
C LYS A 17 -7.08 -5.88 0.75
N LYS A 18 -5.94 -6.42 0.36
CA LYS A 18 -5.20 -7.31 1.25
C LYS A 18 -4.76 -6.57 2.52
N ARG A 19 -4.34 -5.30 2.36
CA ARG A 19 -3.89 -4.44 3.50
C ARG A 19 -5.04 -4.20 4.51
N MET A 20 -6.25 -3.93 4.02
CA MET A 20 -7.40 -3.78 4.91
C MET A 20 -7.67 -5.07 5.63
N GLN A 21 -7.59 -6.19 4.93
CA GLN A 21 -7.79 -7.47 5.61
C GLN A 21 -6.77 -7.76 6.71
N ASP A 22 -5.49 -7.54 6.41
CA ASP A 22 -4.39 -7.83 7.37
C ASP A 22 -4.51 -6.99 8.63
N ILE A 23 -4.86 -5.72 8.45
CA ILE A 23 -5.06 -4.77 9.57
C ILE A 23 -6.26 -5.20 10.40
N LEU A 24 -7.35 -5.55 9.74
CA LEU A 24 -8.53 -6.05 10.49
C LEU A 24 -8.15 -7.25 11.36
N LYS A 25 -7.60 -8.28 10.71
CA LYS A 25 -7.19 -9.50 11.42
C LYS A 25 -6.18 -9.25 12.54
N LYS A 26 -5.31 -8.27 12.37
CA LYS A 26 -4.33 -8.03 13.42
C LYS A 26 -5.01 -7.33 14.63
N ASP A 27 -5.87 -6.36 14.34
CA ASP A 27 -6.65 -5.66 15.35
C ASP A 27 -7.55 -6.63 16.12
N ASN A 28 -8.21 -7.54 15.41
CA ASN A 28 -9.11 -8.52 16.08
C ASN A 28 -8.33 -9.48 16.96
N ALA A 29 -7.18 -9.93 16.49
CA ALA A 29 -6.33 -10.81 17.31
C ALA A 29 -5.82 -10.09 18.58
N ASN A 30 -5.58 -8.78 18.49
CA ASN A 30 -5.07 -8.01 19.64
C ASN A 30 -6.19 -7.80 20.63
N ASN A 31 -7.39 -7.52 20.13
CA ASN A 31 -8.56 -7.37 20.99
C ASN A 31 -8.79 -8.65 21.83
N LEU A 32 -8.79 -9.80 21.15
CA LEU A 32 -8.78 -11.13 21.82
C LEU A 32 -7.61 -11.38 22.79
N GLU A 33 -6.47 -10.70 22.66
CA GLU A 33 -5.41 -10.79 23.70
C GLU A 33 -5.56 -9.69 24.80
N GLY A 34 -6.79 -9.22 25.03
CA GLY A 34 -7.04 -8.13 25.98
C GLY A 34 -6.28 -6.82 25.74
N ARG A 35 -5.93 -6.53 24.49
CA ARG A 35 -5.12 -5.34 24.22
C ARG A 35 -5.62 -4.39 23.10
N PRO A 36 -5.17 -3.11 23.15
CA PRO A 36 -5.67 -2.07 22.23
C PRO A 36 -5.39 -2.43 20.77
N ALA A 37 -6.40 -2.25 19.93
CA ALA A 37 -6.25 -2.35 18.47
C ALA A 37 -5.98 -0.96 17.95
N THR A 38 -4.82 -0.74 17.33
CA THR A 38 -4.40 0.57 16.87
C THR A 38 -4.20 0.56 15.33
N GLY A 39 -4.30 -0.62 14.71
CA GLY A 39 -4.11 -0.77 13.27
C GLY A 39 -5.03 0.11 12.44
N LYS A 40 -6.34 0.04 12.69
CA LYS A 40 -7.29 0.77 11.90
C LYS A 40 -7.20 2.28 12.12
N ILE A 41 -7.05 2.71 13.37
CA ILE A 41 -7.01 4.12 13.72
C ILE A 41 -5.77 4.73 13.11
N GLU A 42 -4.65 3.99 13.10
CA GLU A 42 -3.41 4.49 12.51
C GLU A 42 -3.45 4.56 10.96
N ASN A 43 -4.30 3.80 10.32
CA ASN A 43 -4.30 3.77 8.84
C ASN A 43 -5.56 4.26 8.17
N VAL A 44 -6.58 4.62 8.95
CA VAL A 44 -7.87 4.97 8.35
C VAL A 44 -7.85 6.25 7.48
N GLU A 45 -7.06 7.26 7.82
CA GLU A 45 -7.08 8.48 7.03
C GLU A 45 -6.48 8.17 5.65
N GLU A 46 -5.32 7.52 5.65
CA GLU A 46 -4.57 7.29 4.42
C GLU A 46 -5.36 6.31 3.53
N ILE A 47 -5.91 5.26 4.14
CA ILE A 47 -6.71 4.24 3.46
C ILE A 47 -8.04 4.79 2.96
N SER A 48 -8.69 5.58 3.80
CA SER A 48 -9.87 6.31 3.33
C SER A 48 -9.63 7.20 2.13
N ASP A 49 -8.60 8.04 2.20
CA ASP A 49 -8.11 8.84 1.06
C ASP A 49 -8.02 8.05 -0.24
N ILE A 50 -7.37 6.90 -0.18
CA ILE A 50 -7.19 6.09 -1.38
C ILE A 50 -8.49 5.41 -1.81
N LEU A 51 -9.28 4.93 -0.86
CA LEU A 51 -10.59 4.32 -1.17
C LEU A 51 -11.48 5.25 -1.97
N MET A 52 -11.27 6.55 -1.76
CA MET A 52 -12.00 7.58 -2.49
C MET A 52 -11.33 8.08 -3.79
N SER A 53 -10.17 7.52 -4.17
CA SER A 53 -9.62 7.83 -5.51
C SER A 53 -10.59 7.50 -6.64
N LYS A 54 -10.98 8.51 -7.39
CA LYS A 54 -11.94 8.25 -8.43
C LYS A 54 -11.43 7.27 -9.52
N ALA A 55 -10.14 7.35 -9.87
CA ALA A 55 -9.50 6.37 -10.74
C ALA A 55 -9.51 4.88 -10.26
N LEU A 56 -9.70 4.65 -8.95
CA LEU A 56 -9.53 3.31 -8.38
C LEU A 56 -10.86 2.71 -7.99
N GLN A 57 -11.86 3.57 -7.74
CA GLN A 57 -13.13 3.11 -7.18
C GLN A 57 -13.80 1.91 -7.89
N GLU A 58 -13.89 1.99 -9.23
CA GLU A 58 -14.53 0.95 -10.04
C GLU A 58 -13.87 -0.42 -9.84
N SER A 59 -12.53 -0.44 -9.90
CA SER A 59 -11.76 -1.67 -9.58
C SER A 59 -11.99 -2.10 -8.14
N LEU A 60 -11.88 -1.15 -7.20
CA LEU A 60 -12.02 -1.48 -5.74
C LEU A 60 -13.39 -2.07 -5.50
N LEU A 61 -14.42 -1.37 -5.96
CA LEU A 61 -15.79 -1.87 -5.86
C LEU A 61 -15.96 -3.26 -6.50
N ASP A 62 -15.45 -3.44 -7.74
CA ASP A 62 -15.56 -4.68 -8.51
C ASP A 62 -14.83 -5.80 -7.78
N GLU A 63 -13.74 -5.47 -7.09
CA GLU A 63 -12.92 -6.43 -6.33
C GLU A 63 -13.48 -6.74 -4.90
N GLY A 64 -14.68 -6.24 -4.60
CA GLY A 64 -15.36 -6.55 -3.33
C GLY A 64 -14.77 -5.76 -2.13
N ILE A 65 -14.30 -4.51 -2.36
CA ILE A 65 -13.71 -3.72 -1.26
C ILE A 65 -14.75 -3.43 -0.18
N LEU A 66 -16.04 -3.54 -0.50
CA LEU A 66 -17.15 -3.33 0.45
C LEU A 66 -17.19 -4.36 1.56
N ASP A 67 -16.78 -5.58 1.30
CA ASP A 67 -16.57 -6.53 2.39
C ASP A 67 -15.50 -6.10 3.44
N GLU A 68 -14.38 -5.51 3.01
CA GLU A 68 -13.38 -4.97 3.93
C GLU A 68 -13.89 -3.78 4.68
N ILE A 69 -14.59 -2.85 4.01
CA ILE A 69 -15.14 -1.69 4.70
C ILE A 69 -16.11 -2.17 5.77
N LYS A 70 -17.01 -3.04 5.37
CA LYS A 70 -17.87 -3.80 6.27
C LYS A 70 -17.16 -4.37 7.49
N GLY A 71 -16.13 -5.16 7.25
CA GLY A 71 -15.39 -5.78 8.36
C GLY A 71 -14.84 -4.72 9.29
N TRP A 72 -14.33 -3.60 8.74
CA TRP A 72 -13.83 -2.51 9.63
C TRP A 72 -14.94 -1.84 10.47
N LEU A 73 -16.21 -2.01 10.07
CA LEU A 73 -17.33 -1.35 10.76
C LEU A 73 -17.96 -2.25 11.81
N GLU A 74 -17.61 -3.52 11.69
CA GLU A 74 -18.16 -4.57 12.52
C GLU A 74 -17.59 -4.55 13.92
N PRO A 75 -18.35 -5.11 14.90
CA PRO A 75 -17.84 -5.27 16.27
C PRO A 75 -16.46 -6.03 16.36
N LEU A 76 -15.61 -5.70 17.34
CA LEU A 76 -14.39 -6.49 17.62
C LEU A 76 -14.79 -7.80 18.35
N PRO A 77 -13.86 -8.78 18.55
CA PRO A 77 -14.18 -9.99 19.34
C PRO A 77 -14.89 -9.74 20.73
N ASP A 78 -14.47 -8.73 21.49
CA ASP A 78 -15.12 -8.44 22.78
C ASP A 78 -16.43 -7.66 22.60
N LYS A 79 -16.81 -7.41 21.35
CA LYS A 79 -18.07 -6.78 20.97
C LYS A 79 -18.18 -5.26 21.16
N SER A 80 -17.08 -4.61 21.54
CA SER A 80 -16.97 -3.14 21.42
C SER A 80 -16.93 -2.73 19.95
N MET A 81 -17.03 -1.43 19.71
CA MET A 81 -17.12 -0.94 18.37
C MET A 81 -15.80 -0.33 17.99
N PRO A 82 -15.53 -0.23 16.69
CA PRO A 82 -14.30 0.46 16.24
C PRO A 82 -14.36 1.90 16.72
N ASN A 83 -13.21 2.53 16.89
CA ASN A 83 -13.24 3.86 17.37
C ASN A 83 -14.15 4.75 16.51
N ILE A 84 -14.88 5.64 17.15
CA ILE A 84 -15.75 6.60 16.45
C ILE A 84 -15.15 7.35 15.18
N LYS A 85 -13.88 7.75 15.19
CA LYS A 85 -13.23 8.30 14.00
C LYS A 85 -13.24 7.36 12.81
N ILE A 86 -13.06 6.07 13.06
CA ILE A 86 -13.15 5.09 12.00
C ILE A 86 -14.59 4.99 11.52
N ARG A 87 -15.54 4.87 12.45
CA ARG A 87 -16.91 4.69 12.06
C ARG A 87 -17.34 5.92 11.23
N LYS A 88 -16.98 7.12 11.65
CA LYS A 88 -17.34 8.35 10.92
C LYS A 88 -16.68 8.43 9.58
N ARG A 89 -15.38 8.17 9.55
CA ARG A 89 -14.65 8.29 8.30
C ARG A 89 -15.06 7.26 7.23
N LEU A 90 -15.36 6.03 7.63
CA LEU A 90 -15.77 5.02 6.65
C LEU A 90 -17.19 5.23 6.13
N LEU A 91 -18.09 5.74 6.96
CA LEU A 91 -19.36 6.18 6.46
C LEU A 91 -19.17 7.32 5.46
N ASP A 92 -18.27 8.26 5.77
CA ASP A 92 -18.05 9.35 4.83
C ASP A 92 -17.46 8.78 3.51
N VAL A 93 -16.64 7.72 3.57
CA VAL A 93 -16.17 7.01 2.36
C VAL A 93 -17.32 6.34 1.54
N LEU A 94 -18.20 5.59 2.22
CA LEU A 94 -19.34 4.98 1.50
C LEU A 94 -20.22 6.04 0.84
N LYS A 95 -20.34 7.18 1.50
CA LYS A 95 -21.23 8.22 1.05
C LYS A 95 -20.78 8.83 -0.26
N THR A 96 -19.46 8.92 -0.47
CA THR A 96 -18.92 9.63 -1.62
C THR A 96 -18.56 8.66 -2.76
N MET A 97 -18.42 7.40 -2.44
CA MET A 97 -18.21 6.38 -3.46
C MET A 97 -19.43 6.23 -4.35
N LYS A 98 -19.20 5.93 -5.63
CA LYS A 98 -20.33 5.72 -6.53
C LYS A 98 -20.88 4.30 -6.34
N ILE A 99 -21.57 4.11 -5.22
CA ILE A 99 -22.13 2.80 -4.94
C ILE A 99 -23.50 2.67 -5.55
N HIS A 100 -23.66 1.59 -6.31
CA HIS A 100 -24.92 1.27 -7.01
C HIS A 100 -25.50 -0.08 -6.53
N LYS A 101 -26.63 -0.47 -7.10
CA LYS A 101 -27.40 -1.65 -6.65
C LYS A 101 -26.57 -2.95 -6.68
N GLU A 102 -25.73 -3.09 -7.72
CA GLU A 102 -24.97 -4.33 -7.94
C GLU A 102 -24.11 -4.64 -6.75
N HIS A 103 -23.45 -3.59 -6.24
CA HIS A 103 -22.52 -3.66 -5.13
C HIS A 103 -23.11 -4.07 -3.80
N LEU A 104 -24.38 -3.68 -3.55
CA LEU A 104 -25.09 -3.93 -2.29
C LEU A 104 -25.61 -5.35 -2.24
N VAL A 105 -26.26 -5.75 -3.33
CA VAL A 105 -26.85 -7.06 -3.48
C VAL A 105 -25.76 -8.16 -3.37
N THR A 106 -24.48 -7.76 -3.41
CA THR A 106 -23.34 -8.67 -3.41
C THR A 106 -22.48 -8.66 -2.11
N SER A 107 -22.61 -7.61 -1.27
CA SER A 107 -21.59 -7.31 -0.22
C SER A 107 -21.91 -7.55 1.28
N GLY A 108 -23.17 -7.35 1.65
CA GLY A 108 -23.56 -7.32 3.07
C GLY A 108 -23.30 -6.00 3.80
N VAL A 109 -22.72 -5.02 3.11
CA VAL A 109 -22.35 -3.77 3.76
C VAL A 109 -23.63 -3.02 4.22
N GLY A 110 -24.70 -3.12 3.43
CA GLY A 110 -25.92 -2.42 3.67
C GLY A 110 -26.50 -2.86 5.00
N LYS A 111 -26.15 -4.09 5.44
CA LYS A 111 -26.59 -4.70 6.70
C LYS A 111 -25.90 -4.00 7.89
N ILE A 112 -24.61 -3.83 7.81
CA ILE A 112 -23.92 -3.18 8.91
C ILE A 112 -24.32 -1.71 9.01
N VAL A 113 -24.39 -1.06 7.85
CA VAL A 113 -24.84 0.34 7.78
C VAL A 113 -26.26 0.52 8.35
N TYR A 114 -27.16 -0.38 8.00
CA TYR A 114 -28.51 -0.32 8.49
C TYR A 114 -28.50 -0.45 10.01
N PHE A 115 -27.71 -1.39 10.55
CA PHE A 115 -27.56 -1.52 12.01
C PHE A 115 -27.11 -0.18 12.67
N TYR A 116 -26.15 0.50 12.08
CA TYR A 116 -25.68 1.75 12.60
C TYR A 116 -26.82 2.76 12.66
N SER A 117 -27.76 2.66 11.72
CA SER A 117 -28.80 3.69 11.59
C SER A 117 -29.83 3.56 12.70
N ILE A 118 -29.98 2.36 13.25
CA ILE A 118 -30.98 2.07 14.30
C ILE A 118 -30.38 1.68 15.67
N ASN A 119 -29.05 1.57 15.72
CA ASN A 119 -28.26 1.34 16.93
C ASN A 119 -28.40 2.45 17.98
N PRO A 120 -29.09 2.17 19.13
CA PRO A 120 -29.21 3.19 20.18
C PRO A 120 -27.92 3.67 20.91
N LYS A 121 -26.77 3.04 20.66
CA LYS A 121 -25.45 3.39 21.28
C LYS A 121 -24.62 4.34 20.41
N GLU A 122 -25.19 4.68 19.28
CA GLU A 122 -24.53 5.41 18.23
C GLU A 122 -24.90 6.88 18.38
N SER A 123 -23.97 7.77 18.08
CA SER A 123 -24.23 9.20 18.10
C SER A 123 -25.36 9.52 17.13
N LYS A 124 -26.08 10.58 17.41
CA LYS A 124 -27.10 11.12 16.53
C LYS A 124 -26.49 11.50 15.15
N GLU A 125 -25.20 11.78 15.16
CA GLU A 125 -24.47 12.30 14.02
C GLU A 125 -24.20 11.15 13.04
N VAL A 126 -23.84 10.00 13.61
CA VAL A 126 -23.41 8.81 12.86
C VAL A 126 -24.65 8.08 12.38
N ARG A 127 -25.60 7.90 13.32
CA ARG A 127 -26.92 7.36 13.08
C ARG A 127 -27.55 8.12 11.93
N ALA A 128 -27.49 9.44 11.96
CA ALA A 128 -27.96 10.29 10.87
C ALA A 128 -27.28 10.01 9.56
N SER A 129 -25.95 9.93 9.57
CA SER A 129 -25.22 9.70 8.35
C SER A 129 -25.48 8.29 7.77
N ALA A 130 -25.73 7.32 8.65
CA ALA A 130 -26.06 5.95 8.21
C ALA A 130 -27.47 5.88 7.65
N LYS A 131 -28.41 6.60 8.26
CA LYS A 131 -29.75 6.79 7.65
C LYS A 131 -29.74 7.43 6.25
N ALA A 132 -29.05 8.56 6.12
CA ALA A 132 -28.78 9.15 4.79
C ALA A 132 -28.26 8.09 3.80
N LEU A 133 -27.27 7.29 4.17
CA LEU A 133 -26.73 6.26 3.28
C LEU A 133 -27.80 5.27 2.90
N VAL A 134 -28.46 4.73 3.92
CA VAL A 134 -29.66 3.88 3.76
C VAL A 134 -30.73 4.48 2.81
N GLN A 135 -31.09 5.75 3.02
CA GLN A 135 -32.03 6.44 2.12
C GLN A 135 -31.48 6.44 0.69
N LYS A 136 -30.20 6.78 0.53
CA LYS A 136 -29.60 6.87 -0.79
C LYS A 136 -29.58 5.49 -1.52
N TRP A 137 -29.14 4.45 -0.81
CA TRP A 137 -29.13 3.07 -1.28
C TRP A 137 -30.50 2.45 -1.54
N THR A 138 -31.50 2.83 -0.74
CA THR A 138 -32.90 2.46 -1.07
C THR A 138 -33.26 3.05 -2.43
N ASN A 139 -32.75 4.26 -2.67
CA ASN A 139 -33.06 4.95 -3.92
C ASN A 139 -32.37 4.30 -5.09
N GLU A 140 -31.12 3.89 -4.90
CA GLU A 140 -30.40 3.09 -5.92
C GLU A 140 -31.14 1.82 -6.26
N VAL A 141 -31.41 0.98 -5.25
CA VAL A 141 -32.10 -0.31 -5.40
C VAL A 141 -33.48 -0.25 -6.08
N PHE A 142 -34.23 0.81 -5.84
CA PHE A 142 -35.60 0.85 -6.29
C PHE A 142 -35.95 1.83 -7.43
N LYS A 143 -35.04 2.72 -7.81
CA LYS A 143 -35.36 3.74 -8.86
C LYS A 143 -35.71 3.14 -10.23
N PRO A 144 -36.61 3.80 -11.02
CA PRO A 144 -36.75 3.35 -12.42
C PRO A 144 -35.63 3.89 -13.31
N HIS B 3 -7.26 11.16 -15.49
CA HIS B 3 -7.31 9.75 -14.98
C HIS B 3 -7.03 9.58 -13.45
N MET B 4 -5.77 9.62 -13.02
CA MET B 4 -5.52 9.68 -11.55
C MET B 4 -5.12 11.10 -11.09
N ASP B 5 -5.81 11.64 -10.09
CA ASP B 5 -5.49 13.01 -9.60
C ASP B 5 -4.06 13.13 -9.06
N PRO B 6 -3.42 14.30 -9.20
CA PRO B 6 -2.02 14.35 -8.73
C PRO B 6 -1.87 14.17 -7.20
N GLY B 7 -2.88 14.55 -6.42
CA GLY B 7 -2.96 14.25 -5.00
C GLY B 7 -2.86 12.76 -4.71
N THR B 8 -3.56 11.95 -5.49
CA THR B 8 -3.60 10.50 -5.29
C THR B 8 -2.29 9.84 -5.69
N VAL B 9 -1.77 10.17 -6.87
CA VAL B 9 -0.44 9.75 -7.23
C VAL B 9 0.55 10.07 -6.09
N LEU B 10 0.56 11.30 -5.58
CA LEU B 10 1.55 11.63 -4.53
C LEU B 10 1.28 10.82 -3.26
N GLU B 11 0.01 10.64 -2.89
CA GLU B 11 -0.34 9.82 -1.70
C GLU B 11 0.08 8.31 -1.75
N ILE B 12 -0.14 7.70 -2.90
CA ILE B 12 0.29 6.33 -3.16
C ILE B 12 1.81 6.22 -3.14
N SER B 13 2.48 7.21 -3.73
CA SER B 13 3.98 7.23 -3.72
C SER B 13 4.51 7.34 -2.27
N ARG B 14 3.97 8.27 -1.49
CA ARG B 14 4.41 8.42 -0.10
C ARG B 14 4.10 7.14 0.69
N SER B 15 2.93 6.56 0.41
CA SER B 15 2.53 5.33 1.09
C SER B 15 3.52 4.18 0.83
N LEU B 16 3.89 4.01 -0.43
CA LEU B 16 4.85 2.99 -0.85
C LEU B 16 6.23 3.25 -0.21
N LYS B 17 6.66 4.48 -0.16
CA LYS B 17 7.87 4.86 0.55
C LYS B 17 7.91 4.40 2.01
N LYS B 18 6.91 4.79 2.78
CA LYS B 18 6.84 4.46 4.20
C LYS B 18 6.72 2.95 4.33
N ARG B 19 6.01 2.28 3.41
CA ARG B 19 5.89 0.81 3.47
C ARG B 19 7.24 0.08 3.29
N MET B 20 8.07 0.53 2.35
CA MET B 20 9.44 0.00 2.13
C MET B 20 10.30 0.25 3.34
N GLN B 21 10.24 1.46 3.90
CA GLN B 21 10.92 1.74 5.19
C GLN B 21 10.53 0.84 6.34
N ASP B 22 9.23 0.66 6.55
CA ASP B 22 8.70 -0.18 7.65
C ASP B 22 9.13 -1.63 7.54
N ILE B 23 9.14 -2.15 6.31
CA ILE B 23 9.54 -3.55 6.03
C ILE B 23 11.04 -3.69 6.23
N LEU B 24 11.78 -2.74 5.69
CA LEU B 24 13.24 -2.76 5.92
C LEU B 24 13.56 -2.77 7.43
N LYS B 25 13.01 -1.83 8.19
CA LYS B 25 13.31 -1.75 9.65
C LYS B 25 12.85 -3.01 10.40
N LYS B 26 11.74 -3.58 9.98
CA LYS B 26 11.23 -4.78 10.64
C LYS B 26 12.16 -5.99 10.35
N ASP B 27 12.59 -6.13 9.09
CA ASP B 27 13.56 -7.18 8.69
C ASP B 27 14.88 -6.96 9.38
N ASN B 28 15.34 -5.70 9.46
CA ASN B 28 16.60 -5.46 10.19
C ASN B 28 16.52 -5.78 11.68
N ALA B 29 15.39 -5.49 12.31
CA ALA B 29 15.22 -5.83 13.73
C ALA B 29 15.09 -7.34 13.97
N ASN B 30 14.57 -8.07 12.99
CA ASN B 30 14.44 -9.53 13.10
C ASN B 30 15.84 -10.19 12.99
N ASN B 31 16.61 -9.78 11.98
CA ASN B 31 17.96 -10.23 11.80
C ASN B 31 18.77 -10.09 13.09
N LEU B 32 18.81 -8.89 13.69
CA LEU B 32 19.51 -8.65 14.95
C LEU B 32 19.08 -9.55 16.11
N GLU B 33 17.82 -9.99 16.08
CA GLU B 33 17.32 -10.90 17.12
C GLU B 33 17.77 -12.37 16.86
N GLY B 34 18.21 -12.69 15.64
CA GLY B 34 18.50 -14.08 15.24
C GLY B 34 17.40 -14.80 14.45
N ARG B 35 16.30 -14.08 14.16
CA ARG B 35 15.12 -14.57 13.40
C ARG B 35 15.30 -14.32 11.88
N PRO B 36 14.80 -15.24 11.03
CA PRO B 36 14.92 -15.01 9.57
C PRO B 36 14.13 -13.78 9.15
N ALA B 37 14.68 -12.98 8.23
CA ALA B 37 13.98 -11.78 7.69
C ALA B 37 13.11 -12.19 6.51
N THR B 38 11.82 -11.98 6.59
CA THR B 38 10.95 -12.46 5.54
C THR B 38 10.12 -11.31 4.90
N GLY B 39 10.10 -10.13 5.54
CA GLY B 39 9.30 -8.99 5.04
C GLY B 39 9.62 -8.69 3.58
N LYS B 40 10.91 -8.57 3.26
CA LYS B 40 11.28 -8.14 1.94
C LYS B 40 10.93 -9.15 0.88
N ILE B 41 11.29 -10.41 1.12
CA ILE B 41 11.02 -11.49 0.21
C ILE B 41 9.51 -11.63 -0.03
N GLU B 42 8.70 -11.46 1.00
CA GLU B 42 7.26 -11.62 0.81
C GLU B 42 6.63 -10.41 0.07
N ASN B 43 7.32 -9.32 -0.01
CA ASN B 43 6.70 -8.13 -0.65
C ASN B 43 7.39 -7.60 -1.91
N VAL B 44 8.53 -8.18 -2.31
CA VAL B 44 9.34 -7.60 -3.38
C VAL B 44 8.68 -7.67 -4.80
N GLU B 45 7.94 -8.72 -5.10
CA GLU B 45 7.30 -8.85 -6.42
C GLU B 45 6.31 -7.69 -6.61
N GLU B 46 5.38 -7.59 -5.66
CA GLU B 46 4.28 -6.62 -5.71
C GLU B 46 4.79 -5.17 -5.67
N ILE B 47 5.68 -4.90 -4.70
CA ILE B 47 6.36 -3.58 -4.58
C ILE B 47 7.20 -3.23 -5.79
N SER B 48 7.97 -4.19 -6.28
CA SER B 48 8.63 -4.04 -7.57
C SER B 48 7.71 -3.65 -8.70
N ASP B 49 6.63 -4.43 -8.88
CA ASP B 49 5.58 -4.13 -9.89
C ASP B 49 5.11 -2.69 -9.86
N ILE B 50 4.84 -2.18 -8.67
CA ILE B 50 4.36 -0.81 -8.52
C ILE B 50 5.46 0.23 -8.68
N LEU B 51 6.69 -0.06 -8.24
CA LEU B 51 7.83 0.89 -8.40
C LEU B 51 8.08 1.12 -9.85
N MET B 52 7.65 0.16 -10.67
CA MET B 52 7.82 0.22 -12.12
C MET B 52 6.61 0.81 -12.86
N SER B 53 5.54 1.12 -12.13
CA SER B 53 4.44 1.88 -12.73
C SER B 53 4.90 3.20 -13.36
N LYS B 54 4.68 3.36 -14.66
CA LYS B 54 5.07 4.62 -15.30
C LYS B 54 4.36 5.85 -14.74
N ALA B 55 3.10 5.71 -14.36
CA ALA B 55 2.34 6.83 -13.81
C ALA B 55 2.94 7.34 -12.48
N LEU B 56 3.67 6.47 -11.77
CA LEU B 56 4.10 6.77 -10.43
C LEU B 56 5.59 7.11 -10.36
N GLN B 57 6.38 6.60 -11.31
CA GLN B 57 7.82 6.72 -11.24
C GLN B 57 8.37 8.12 -10.95
N GLU B 58 7.86 9.14 -11.65
CA GLU B 58 8.35 10.51 -11.51
C GLU B 58 8.13 11.02 -10.07
N SER B 59 6.94 10.79 -9.52
CA SER B 59 6.71 11.07 -8.09
C SER B 59 7.57 10.23 -7.18
N LEU B 60 7.66 8.92 -7.44
CA LEU B 60 8.45 8.04 -6.54
C LEU B 60 9.91 8.54 -6.52
N LEU B 61 10.45 8.76 -7.70
CA LEU B 61 11.81 9.27 -7.87
C LEU B 61 12.05 10.65 -7.18
N ASP B 62 11.13 11.62 -7.40
CA ASP B 62 11.16 12.94 -6.80
C ASP B 62 11.07 12.84 -5.29
N GLU B 63 10.36 11.83 -4.78
CA GLU B 63 10.18 11.61 -3.33
C GLU B 63 11.37 10.83 -2.69
N GLY B 64 12.46 10.60 -3.44
CA GLY B 64 13.62 9.88 -2.89
C GLY B 64 13.41 8.35 -2.70
N ILE B 65 12.61 7.69 -3.56
CA ILE B 65 12.38 6.22 -3.40
C ILE B 65 13.71 5.44 -3.57
N LEU B 66 14.67 5.98 -4.32
CA LEU B 66 16.01 5.37 -4.48
C LEU B 66 16.71 5.11 -3.17
N ASP B 67 16.54 5.98 -2.19
CA ASP B 67 17.01 5.69 -0.83
C ASP B 67 16.44 4.37 -0.22
N GLU B 68 15.14 4.12 -0.36
CA GLU B 68 14.52 2.88 0.12
C GLU B 68 15.01 1.69 -0.65
N ILE B 69 15.11 1.81 -1.99
CA ILE B 69 15.63 0.74 -2.85
C ILE B 69 17.07 0.41 -2.44
N LYS B 70 17.89 1.43 -2.31
CA LYS B 70 19.20 1.33 -1.68
C LYS B 70 19.18 0.60 -0.36
N GLY B 71 18.37 1.09 0.59
CA GLY B 71 18.19 0.39 1.86
C GLY B 71 17.97 -1.10 1.71
N TRP B 72 17.08 -1.52 0.80
CA TRP B 72 16.77 -2.96 0.59
C TRP B 72 17.91 -3.76 -0.05
N LEU B 73 18.87 -3.06 -0.65
CA LEU B 73 19.99 -3.76 -1.32
C LEU B 73 21.21 -3.90 -0.43
N GLU B 74 21.20 -3.17 0.67
CA GLU B 74 22.35 -3.21 1.49
C GLU B 74 22.32 -4.32 2.51
N PRO B 75 23.50 -4.60 3.12
CA PRO B 75 23.66 -5.71 4.07
C PRO B 75 22.71 -5.64 5.32
N LEU B 76 22.22 -6.76 5.82
CA LEU B 76 21.52 -6.82 7.11
C LEU B 76 22.52 -6.52 8.28
N PRO B 77 22.00 -6.28 9.52
CA PRO B 77 22.88 -6.10 10.68
C PRO B 77 24.03 -7.14 10.87
N ASP B 78 23.83 -8.43 10.55
CA ASP B 78 24.90 -9.45 10.65
C ASP B 78 25.77 -9.50 9.37
N LYS B 79 25.56 -8.52 8.49
CA LYS B 79 26.43 -8.30 7.35
C LYS B 79 26.17 -9.26 6.20
N SER B 80 25.17 -10.15 6.36
CA SER B 80 24.71 -11.01 5.26
C SER B 80 23.88 -10.19 4.28
N MET B 81 23.64 -10.74 3.09
CA MET B 81 23.02 -9.96 2.04
C MET B 81 21.58 -10.37 1.95
N PRO B 82 20.71 -9.47 1.47
CA PRO B 82 19.29 -9.85 1.22
C PRO B 82 19.22 -10.98 0.22
N ASN B 83 18.12 -11.72 0.25
CA ASN B 83 18.06 -12.86 -0.60
C ASN B 83 18.29 -12.46 -2.05
N ILE B 84 18.97 -13.33 -2.76
CA ILE B 84 19.28 -13.16 -4.20
C ILE B 84 18.09 -12.74 -5.10
N LYS B 85 16.86 -13.19 -4.80
CA LYS B 85 15.66 -12.84 -5.55
C LYS B 85 15.35 -11.37 -5.40
N ILE B 86 15.65 -10.81 -4.22
CA ILE B 86 15.49 -9.40 -3.99
C ILE B 86 16.56 -8.62 -4.73
N ARG B 87 17.81 -9.08 -4.66
CA ARG B 87 18.89 -8.39 -5.27
C ARG B 87 18.62 -8.34 -6.80
N LYS B 88 18.24 -9.46 -7.39
CA LYS B 88 17.99 -9.52 -8.82
C LYS B 88 16.78 -8.68 -9.22
N ARG B 89 15.68 -8.80 -8.47
CA ARG B 89 14.51 -8.01 -8.81
C ARG B 89 14.66 -6.47 -8.66
N LEU B 90 15.36 -5.99 -7.62
CA LEU B 90 15.55 -4.52 -7.45
C LEU B 90 16.52 -3.93 -8.48
N LEU B 91 17.54 -4.68 -8.86
CA LEU B 91 18.33 -4.25 -10.01
C LEU B 91 17.47 -4.15 -11.27
N ASP B 92 16.61 -5.14 -11.50
CA ASP B 92 15.77 -5.08 -12.67
C ASP B 92 14.84 -3.84 -12.60
N VAL B 93 14.37 -3.47 -11.41
CA VAL B 93 13.59 -2.24 -11.20
C VAL B 93 14.39 -0.95 -11.59
N LEU B 94 15.63 -0.87 -11.07
CA LEU B 94 16.47 0.26 -11.38
C LEU B 94 16.71 0.36 -12.89
N LYS B 95 16.85 -0.75 -13.60
CA LYS B 95 17.22 -0.58 -14.98
C LYS B 95 16.08 -0.10 -15.87
N THR B 96 14.84 -0.43 -15.50
CA THR B 96 13.65 -0.09 -16.31
C THR B 96 13.10 1.26 -15.88
N MET B 97 13.46 1.65 -14.69
CA MET B 97 13.07 2.95 -14.19
C MET B 97 13.87 3.99 -14.93
N LYS B 98 13.23 5.10 -15.22
CA LYS B 98 13.87 6.14 -16.00
C LYS B 98 14.80 7.00 -15.13
N ILE B 99 15.89 6.40 -14.66
CA ILE B 99 16.81 7.12 -13.76
C ILE B 99 17.76 7.99 -14.53
N HIS B 100 17.76 9.28 -14.15
CA HIS B 100 18.66 10.31 -14.73
C HIS B 100 19.68 10.89 -13.69
N LYS B 101 20.48 11.84 -14.15
CA LYS B 101 21.61 12.40 -13.37
C LYS B 101 21.15 12.97 -12.01
N GLU B 102 20.05 13.73 -12.01
CA GLU B 102 19.58 14.39 -10.78
C GLU B 102 19.38 13.38 -9.66
N HIS B 103 18.76 12.26 -10.03
CA HIS B 103 18.35 11.21 -9.10
C HIS B 103 19.48 10.56 -8.34
N LEU B 104 20.58 10.35 -9.04
CA LEU B 104 21.77 9.65 -8.52
C LEU B 104 22.51 10.62 -7.63
N VAL B 105 22.76 11.78 -8.25
CA VAL B 105 23.34 12.93 -7.64
C VAL B 105 22.87 13.07 -6.18
N THR B 106 21.59 12.87 -5.91
CA THR B 106 21.07 13.04 -4.55
C THR B 106 20.76 11.76 -3.71
N SER B 107 21.06 10.54 -4.19
CA SER B 107 20.57 9.34 -3.43
C SER B 107 21.54 8.30 -2.79
N GLY B 108 22.76 8.17 -3.33
CA GLY B 108 23.74 7.15 -2.89
C GLY B 108 23.46 5.72 -3.37
N VAL B 109 22.39 5.55 -4.11
CA VAL B 109 22.06 4.24 -4.65
C VAL B 109 23.19 3.78 -5.60
N GLY B 110 23.83 4.72 -6.28
CA GLY B 110 24.87 4.43 -7.26
C GLY B 110 26.05 3.77 -6.54
N LYS B 111 26.24 4.14 -5.27
CA LYS B 111 27.30 3.55 -4.43
C LYS B 111 26.99 2.05 -4.14
N ILE B 112 25.76 1.71 -3.89
CA ILE B 112 25.45 0.33 -3.53
C ILE B 112 25.50 -0.52 -4.78
N VAL B 113 25.02 0.03 -5.90
CA VAL B 113 25.11 -0.67 -7.19
C VAL B 113 26.55 -0.91 -7.68
N TYR B 114 27.41 0.11 -7.52
CA TYR B 114 28.78 -0.02 -7.87
C TYR B 114 29.41 -1.18 -7.05
N PHE B 115 29.14 -1.24 -5.74
CA PHE B 115 29.65 -2.34 -4.90
C PHE B 115 29.21 -3.74 -5.44
N TYR B 116 27.98 -3.86 -5.87
CA TYR B 116 27.47 -5.11 -6.41
C TYR B 116 28.27 -5.44 -7.64
N SER B 117 28.69 -4.43 -8.39
CA SER B 117 29.36 -4.70 -9.67
C SER B 117 30.75 -5.22 -9.43
N ILE B 118 31.36 -4.88 -8.29
CA ILE B 118 32.73 -5.34 -7.97
C ILE B 118 32.89 -6.39 -6.84
N ASN B 119 31.79 -6.65 -6.12
CA ASN B 119 31.66 -7.67 -5.08
C ASN B 119 31.95 -9.09 -5.58
N PRO B 120 33.11 -9.68 -5.20
CA PRO B 120 33.44 -11.07 -5.51
C PRO B 120 32.53 -12.18 -4.93
N LYS B 121 31.59 -11.81 -4.05
CA LYS B 121 30.62 -12.75 -3.44
C LYS B 121 29.30 -12.84 -4.20
N GLU B 122 29.28 -12.28 -5.40
CA GLU B 122 28.09 -11.98 -6.10
C GLU B 122 28.10 -12.73 -7.41
N SER B 123 26.94 -13.19 -7.86
CA SER B 123 26.85 -13.98 -9.09
C SER B 123 27.36 -13.23 -10.32
N LYS B 124 27.64 -13.95 -11.38
CA LYS B 124 28.08 -13.32 -12.61
C LYS B 124 26.94 -12.54 -13.24
N GLU B 125 25.72 -13.05 -13.10
CA GLU B 125 24.61 -12.41 -13.74
C GLU B 125 24.24 -11.11 -13.01
N VAL B 126 24.54 -11.08 -11.71
CA VAL B 126 24.17 -9.97 -10.87
C VAL B 126 25.21 -8.87 -11.02
N ARG B 127 26.51 -9.22 -10.84
CA ARG B 127 27.60 -8.33 -11.19
C ARG B 127 27.40 -7.72 -12.58
N ALA B 128 26.99 -8.55 -13.54
CA ALA B 128 26.76 -8.11 -14.90
C ALA B 128 25.68 -7.08 -15.01
N SER B 129 24.54 -7.32 -14.35
CA SER B 129 23.43 -6.40 -14.45
C SER B 129 23.72 -5.08 -13.72
N ALA B 130 24.55 -5.16 -12.66
CA ALA B 130 24.99 -3.99 -11.88
C ALA B 130 26.04 -3.20 -12.67
N LYS B 131 26.96 -3.90 -13.37
CA LYS B 131 27.88 -3.25 -14.33
C LYS B 131 27.13 -2.52 -15.45
N ALA B 132 26.18 -3.24 -16.07
CA ALA B 132 25.27 -2.59 -17.04
C ALA B 132 24.61 -1.30 -16.48
N LEU B 133 24.13 -1.33 -15.23
CA LEU B 133 23.50 -0.18 -14.62
C LEU B 133 24.48 0.94 -14.45
N VAL B 134 25.63 0.61 -13.86
CA VAL B 134 26.77 1.54 -13.78
C VAL B 134 27.14 2.16 -15.14
N GLN B 135 27.33 1.33 -16.18
CA GLN B 135 27.58 1.84 -17.54
C GLN B 135 26.50 2.82 -17.94
N LYS B 136 25.23 2.46 -17.71
CA LYS B 136 24.13 3.33 -18.14
C LYS B 136 24.11 4.69 -17.36
N TRP B 137 24.28 4.63 -16.05
CA TRP B 137 24.38 5.79 -15.18
C TRP B 137 25.63 6.64 -15.38
N THR B 138 26.72 6.03 -15.83
CA THR B 138 27.93 6.81 -16.23
C THR B 138 27.59 7.59 -17.49
N ASN B 139 26.75 6.96 -18.32
CA ASN B 139 26.38 7.59 -19.58
C ASN B 139 25.42 8.73 -19.32
N GLU B 140 24.49 8.52 -18.37
CA GLU B 140 23.53 9.58 -17.92
C GLU B 140 24.27 10.79 -17.41
N VAL B 141 25.08 10.60 -16.36
CA VAL B 141 25.97 11.62 -15.81
C VAL B 141 26.82 12.42 -16.81
N PHE B 142 27.16 11.87 -17.98
CA PHE B 142 28.23 12.46 -18.79
C PHE B 142 27.97 12.93 -20.25
N LYS B 143 26.84 12.53 -20.86
CA LYS B 143 26.48 12.96 -22.25
C LYS B 143 26.20 14.48 -22.37
N PRO B 144 26.38 15.10 -23.57
CA PRO B 144 26.04 16.53 -23.75
C PRO B 144 24.54 16.80 -23.85
#